data_5UJ2
#
_entry.id   5UJ2
#
_cell.length_a   141.760
_cell.length_b   141.760
_cell.length_c   91.110
_cell.angle_alpha   90.00
_cell.angle_beta   90.00
_cell.angle_gamma   120.00
#
_symmetry.space_group_name_H-M   'P 65'
#
loop_
_entity.id
_entity.type
_entity.pdbx_description
1 polymer "RNA (5'-R(*AP*UP*AP*AP*AP*UP*UP*U)-3')"
2 polymer 'Genome polyprotein'
3 non-polymer 'MANGANESE (II) ION'
4 non-polymer (1S)-1-(4-aminoimidazo[2,1-f][1,2,4]triazin-7-yl)-1,4-anhydro-2-deoxy-2-fluoro-5-O-[(S)-hydroxy(phosphonooxy)phosphoryl]-2-methyl-D-ribitol
5 non-polymer 'CHLORIDE ION'
6 water water
#
loop_
_entity_poly.entity_id
_entity_poly.type
_entity_poly.pdbx_seq_one_letter_code
_entity_poly.pdbx_strand_id
1 'polyribonucleotide' AUAAAUUU T,P
2 'polypeptide(L)'
;MSSMSYSWTGALITPCGPEEEKLPINPLSNSLLRYHNKVYCTTSKSASQRAKKVTFDRTQVLDAHYDSVLKDIKLAASKV
SARLLTLQQACQLTPPHSARSKYGFGAKEVRSLSGRAVNHIKSVWKDLLEDPQTPIPTTIMAKNEVFCVDPAKGGKKPAR
LIVYPDLGVRVCEKMALYDITQKLPQAVMGASYGFQYSPAQRVEYLLKAWAEKKDPMGFSYDTRHFDSTVTERDIRTEES
IYQACSLPEEARTAIHSLTERLYVGGPMFNSKGQTCGYRRCRASGVLTTSMGNTITCYVKALAACKAAGIVAPTMLVCGD
DLIVISESQGTEEDERNLRAFTEAMTRYSAPPGDPPRPEYDLELITSCSSNVSVALGPRGRRRYYLTRDPTTPLARAAWE
TVRHSPINSWLGNIIQYAPTIWVRMVLMTHFFSILMVQDTLDQNLYGVNPLDLPAIIERLHGLDAFSMHTYSHHELTRVA
SALRKLGAPPLRVWKSRARAVRASLISRGGKAAVCGRYLFNWAVKTKLKLTPLPEARLLDLSSWFTVGAGGGDIFHSVSR
ARPRLEHHHHHH
;
A
#
# COMPACT_ATOMS: atom_id res chain seq x y z
N SER C 2 25.67 -14.86 -5.67
CA SER C 2 25.54 -15.85 -6.78
C SER C 2 24.48 -15.50 -7.87
N SER C 3 23.20 -15.41 -7.49
CA SER C 3 22.07 -15.37 -8.46
C SER C 3 21.58 -13.99 -8.89
N MET C 4 20.97 -13.98 -10.06
CA MET C 4 20.63 -12.77 -10.78
C MET C 4 19.10 -12.64 -10.82
N SER C 5 18.56 -11.49 -10.36
CA SER C 5 17.10 -11.31 -10.23
C SER C 5 16.33 -11.49 -11.54
N TYR C 6 16.88 -11.01 -12.65
CA TYR C 6 16.29 -11.24 -13.98
C TYR C 6 17.34 -11.47 -15.07
N SER C 7 16.85 -11.92 -16.23
CA SER C 7 17.62 -12.09 -17.49
C SER C 7 16.65 -11.74 -18.59
N TRP C 8 17.10 -11.09 -19.65
CA TRP C 8 16.13 -10.55 -20.61
C TRP C 8 16.38 -10.98 -22.04
N THR C 9 15.38 -11.59 -22.66
CA THR C 9 15.46 -11.97 -24.08
C THR C 9 15.80 -10.76 -24.93
N GLY C 10 15.20 -9.62 -24.60
CA GLY C 10 15.43 -8.41 -25.37
C GLY C 10 14.15 -7.90 -25.99
N ALA C 11 13.14 -8.77 -26.10
CA ALA C 11 11.80 -8.34 -26.52
C ALA C 11 11.29 -7.22 -25.62
N LEU C 12 10.52 -6.32 -26.19
CA LEU C 12 9.97 -5.21 -25.42
C LEU C 12 8.93 -5.66 -24.38
N ILE C 13 8.70 -4.81 -23.40
CA ILE C 13 7.61 -4.98 -22.45
C ILE C 13 6.43 -4.19 -22.98
N THR C 14 5.45 -4.90 -23.54
CA THR C 14 4.36 -4.27 -24.30
C THR C 14 3.17 -3.82 -23.44
N PRO C 15 2.28 -2.97 -24.00
CA PRO C 15 1.05 -2.50 -23.34
C PRO C 15 -0.19 -3.43 -23.41
N CYS C 16 -0.92 -3.57 -22.28
CA CYS C 16 -2.17 -4.36 -22.21
C CYS C 16 -3.16 -3.89 -23.28
N GLY C 17 -3.30 -2.57 -23.41
CA GLY C 17 -4.08 -1.94 -24.48
C GLY C 17 -3.48 -0.57 -24.76
N PRO C 18 -4.28 0.37 -25.32
CA PRO C 18 -3.77 1.74 -25.48
C PRO C 18 -3.83 2.52 -24.18
N GLU C 19 -2.78 3.30 -23.91
CA GLU C 19 -2.60 4.02 -22.66
C GLU C 19 -3.12 5.46 -22.80
N GLU C 20 -4.04 5.83 -21.92
CA GLU C 20 -4.79 7.08 -22.01
C GLU C 20 -3.92 8.32 -21.78
N GLU C 21 -4.18 9.38 -22.55
CA GLU C 21 -3.44 10.66 -22.42
C GLU C 21 -4.34 11.84 -22.04
N LYS C 22 -3.80 12.79 -21.28
CA LYS C 22 -4.58 13.98 -20.90
C LYS C 22 -5.02 14.78 -22.11
N LEU C 23 -6.01 15.64 -21.88
CA LEU C 23 -6.61 16.47 -22.90
C LEU C 23 -6.27 17.94 -22.63
N PRO C 24 -6.52 18.84 -23.59
CA PRO C 24 -6.19 20.24 -23.41
C PRO C 24 -7.01 20.99 -22.36
N ILE C 25 -8.16 20.45 -21.97
CA ILE C 25 -8.93 21.03 -20.86
C ILE C 25 -9.26 19.95 -19.85
N ASN C 26 -9.07 20.27 -18.56
CA ASN C 26 -9.47 19.43 -17.43
C ASN C 26 -10.56 20.18 -16.63
N PRO C 27 -11.83 20.03 -17.02
CA PRO C 27 -12.93 20.82 -16.44
C PRO C 27 -13.12 20.70 -14.92
N LEU C 28 -12.94 19.47 -14.44
CA LEU C 28 -13.11 19.13 -13.02
C LEU C 28 -11.98 19.61 -12.12
N SER C 29 -10.75 19.60 -12.64
CA SER C 29 -9.57 19.91 -11.84
C SER C 29 -8.83 21.24 -12.14
N ASN C 30 -9.24 21.98 -13.18
CA ASN C 30 -8.50 23.21 -13.51
C ASN C 30 -8.76 24.40 -12.57
N SER C 31 -9.78 24.27 -11.73
CA SER C 31 -10.01 25.16 -10.58
C SER C 31 -9.24 24.69 -9.33
N LEU C 32 -8.86 23.40 -9.29
CA LEU C 32 -8.07 22.82 -8.19
C LEU C 32 -6.59 23.20 -8.26
N LEU C 33 -6.01 23.06 -9.45
CA LEU C 33 -4.60 23.35 -9.62
C LEU C 33 -4.29 23.72 -11.07
N ARG C 34 -3.19 24.44 -11.28
CA ARG C 34 -2.83 24.97 -12.60
C ARG C 34 -1.80 24.11 -13.36
N TYR C 35 -0.86 23.52 -12.63
CA TYR C 35 0.32 22.93 -13.26
C TYR C 35 0.13 21.49 -13.76
N HIS C 36 -0.80 21.31 -14.68
CA HIS C 36 -1.15 20.00 -15.17
C HIS C 36 -0.03 19.29 -15.93
N ASN C 37 0.91 20.08 -16.42
CA ASN C 37 2.12 19.55 -17.03
C ASN C 37 2.92 18.65 -16.06
N LYS C 38 2.86 18.94 -14.76
CA LYS C 38 3.53 18.12 -13.76
C LYS C 38 2.82 16.79 -13.45
N VAL C 39 1.56 16.67 -13.79
CA VAL C 39 0.80 15.44 -13.53
C VAL C 39 1.04 14.50 -14.70
N TYR C 40 1.62 13.33 -14.42
CA TYR C 40 1.90 12.30 -15.43
C TYR C 40 1.44 10.90 -14.99
N CYS C 41 1.32 9.99 -15.97
CA CYS C 41 1.02 8.60 -15.70
C CYS C 41 2.15 7.74 -16.25
N THR C 42 2.62 6.77 -15.47
CA THR C 42 3.73 5.90 -15.91
C THR C 42 3.26 4.96 -17.00
N THR C 43 4.08 4.77 -18.05
CA THR C 43 3.72 3.89 -19.18
C THR C 43 4.77 2.81 -19.47
N SER C 44 4.38 1.86 -20.32
CA SER C 44 5.28 0.79 -20.76
C SER C 44 6.44 1.34 -21.56
N LYS C 45 6.25 2.51 -22.21
CA LYS C 45 7.37 3.23 -22.82
C LYS C 45 8.58 3.25 -21.86
N SER C 46 8.33 3.46 -20.56
CA SER C 46 9.40 3.51 -19.55
C SER C 46 9.76 2.17 -18.91
N ALA C 47 9.27 1.06 -19.45
CA ALA C 47 9.40 -0.22 -18.77
C ALA C 47 10.84 -0.69 -18.77
N SER C 48 11.51 -0.49 -19.91
CA SER C 48 12.92 -0.87 -20.08
C SER C 48 13.79 -0.29 -18.97
N GLN C 49 13.60 1.00 -18.66
CA GLN C 49 14.37 1.65 -17.60
C GLN C 49 14.11 1.01 -16.24
N ARG C 50 12.86 0.63 -15.97
CA ARG C 50 12.54 -0.03 -14.70
C ARG C 50 13.28 -1.37 -14.59
N ALA C 51 13.31 -2.11 -15.69
CA ALA C 51 14.02 -3.39 -15.75
C ALA C 51 15.51 -3.27 -15.37
N LYS C 52 16.20 -2.28 -15.93
CA LYS C 52 17.61 -2.02 -15.58
C LYS C 52 17.79 -1.81 -14.05
N LYS C 53 16.96 -0.96 -13.44
CA LYS C 53 17.08 -0.68 -12.01
C LYS C 53 16.82 -1.92 -11.14
N VAL C 54 16.03 -2.88 -11.63
CA VAL C 54 15.64 -4.07 -10.81
C VAL C 54 16.41 -5.38 -11.12
N THR C 55 17.33 -5.32 -12.08
CA THR C 55 18.13 -6.47 -12.45
C THR C 55 19.55 -6.38 -11.89
N PHE C 56 19.87 -7.23 -10.92
CA PHE C 56 21.16 -7.17 -10.26
C PHE C 56 21.50 -8.45 -9.50
N ASP C 57 22.78 -8.60 -9.17
CA ASP C 57 23.24 -9.81 -8.49
C ASP C 57 22.92 -9.79 -6.99
N ARG C 58 22.35 -10.89 -6.50
CA ARG C 58 22.11 -11.04 -5.07
C ARG C 58 23.19 -11.90 -4.46
N THR C 59 23.64 -11.53 -3.27
CA THR C 59 24.44 -12.40 -2.42
C THR C 59 23.87 -12.25 -1.02
N GLN C 60 23.66 -13.38 -0.38
CA GLN C 60 22.98 -13.43 0.89
C GLN C 60 23.98 -14.09 1.83
N VAL C 61 24.09 -13.60 3.06
CA VAL C 61 24.96 -14.21 4.07
C VAL C 61 24.20 -14.17 5.38
N LEU C 62 23.71 -15.31 5.80
CA LEU C 62 22.87 -15.39 6.99
C LEU C 62 23.77 -15.61 8.19
N ASP C 63 23.22 -15.76 9.40
CA ASP C 63 24.02 -15.94 10.61
C ASP C 63 23.17 -16.32 11.78
N ALA C 64 23.80 -16.77 12.86
CA ALA C 64 23.09 -17.26 14.06
C ALA C 64 21.85 -16.47 14.40
N HIS C 65 21.93 -15.14 14.24
CA HIS C 65 20.82 -14.25 14.61
C HIS C 65 19.61 -14.47 13.72
N TYR C 66 19.84 -14.47 12.41
CA TYR C 66 18.85 -14.91 11.44
C TYR C 66 18.29 -16.28 11.80
N ASP C 67 19.18 -17.25 11.93
CA ASP C 67 18.80 -18.65 12.16
C ASP C 67 17.94 -18.79 13.40
N SER C 68 18.28 -18.05 14.45
CA SER C 68 17.56 -18.12 15.72
C SER C 68 16.13 -17.62 15.59
N VAL C 69 16.00 -16.51 14.87
CA VAL C 69 14.71 -15.91 14.61
C VAL C 69 13.90 -16.86 13.74
N LEU C 70 14.53 -17.40 12.71
CA LEU C 70 13.85 -18.30 11.82
C LEU C 70 13.33 -19.49 12.58
N LYS C 71 14.13 -20.01 13.52
CA LYS C 71 13.72 -21.12 14.36
C LYS C 71 12.46 -20.69 15.07
N ASP C 72 12.54 -19.63 15.86
CA ASP C 72 11.42 -19.19 16.70
C ASP C 72 10.10 -18.97 15.95
N ILE C 73 10.23 -18.53 14.70
CA ILE C 73 9.07 -18.29 13.85
C ILE C 73 8.36 -19.59 13.44
N LYS C 74 9.11 -20.67 13.29
CA LYS C 74 8.55 -21.99 12.97
C LYS C 74 7.83 -22.63 14.17
N LEU C 75 8.38 -22.47 15.39
CA LEU C 75 7.69 -22.93 16.61
C LEU C 75 6.39 -22.12 16.84
N ALA C 76 6.25 -20.97 16.19
CA ALA C 76 5.00 -20.21 16.22
C ALA C 76 4.03 -20.66 15.12
N ALA C 77 4.60 -21.01 13.96
CA ALA C 77 3.83 -21.44 12.79
C ALA C 77 3.14 -22.78 13.02
N SER C 78 3.71 -23.59 13.89
CA SER C 78 3.15 -24.89 14.21
C SER C 78 1.91 -24.81 15.08
N LYS C 79 1.60 -23.67 15.68
CA LYS C 79 0.29 -23.52 16.38
C LYS C 79 -0.87 -23.27 15.40
N VAL C 80 -0.57 -23.07 14.12
CA VAL C 80 -1.59 -22.81 13.11
C VAL C 80 -2.00 -24.11 12.43
N SER C 81 -3.31 -24.35 12.39
CA SER C 81 -3.85 -25.33 11.46
C SER C 81 -4.64 -24.55 10.41
N ALA C 82 -4.55 -25.01 9.18
CA ALA C 82 -5.18 -24.31 8.06
C ALA C 82 -5.73 -25.32 7.07
N ARG C 83 -6.83 -24.98 6.40
CA ARG C 83 -7.53 -25.91 5.52
C ARG C 83 -7.35 -25.58 4.01
N LEU C 84 -7.69 -26.54 3.16
CA LEU C 84 -7.82 -26.26 1.72
C LEU C 84 -9.05 -25.36 1.48
N LEU C 85 -9.16 -24.82 0.28
CA LEU C 85 -10.36 -24.09 -0.10
C LEU C 85 -11.01 -24.84 -1.26
N THR C 86 -12.30 -25.13 -1.13
CA THR C 86 -12.97 -25.84 -2.18
C THR C 86 -12.72 -25.02 -3.42
N LEU C 87 -12.34 -25.67 -4.49
CA LEU C 87 -12.21 -25.00 -5.78
C LEU C 87 -13.26 -23.88 -5.92
N GLN C 88 -14.50 -24.18 -5.55
CA GLN C 88 -15.59 -23.20 -5.66
C GLN C 88 -15.37 -21.99 -4.76
N GLN C 89 -15.07 -22.22 -3.49
CA GLN C 89 -14.80 -21.14 -2.55
C GLN C 89 -13.72 -20.16 -3.06
N ALA C 90 -12.67 -20.72 -3.66
CA ALA C 90 -11.59 -19.92 -4.21
C ALA C 90 -12.03 -19.09 -5.43
N CYS C 91 -12.80 -19.70 -6.33
CA CYS C 91 -13.36 -18.96 -7.46
C CYS C 91 -14.12 -17.71 -6.98
N GLN C 92 -14.84 -17.86 -5.88
CA GLN C 92 -15.67 -16.77 -5.38
C GLN C 92 -14.82 -15.63 -4.83
N LEU C 93 -13.58 -15.89 -4.43
CA LEU C 93 -12.68 -14.81 -3.98
C LEU C 93 -11.98 -14.06 -5.13
N THR C 94 -12.21 -14.49 -6.38
CA THR C 94 -11.63 -13.80 -7.51
C THR C 94 -12.26 -12.41 -7.60
N PRO C 95 -11.44 -11.34 -7.80
CA PRO C 95 -12.05 -10.01 -7.97
C PRO C 95 -12.87 -9.89 -9.26
N PRO C 96 -13.93 -9.06 -9.23
CA PRO C 96 -14.86 -8.83 -10.35
C PRO C 96 -14.24 -8.67 -11.72
N HIS C 97 -13.25 -7.79 -11.86
CA HIS C 97 -12.73 -7.49 -13.21
C HIS C 97 -11.35 -8.13 -13.48
N SER C 98 -11.02 -9.16 -12.71
CA SER C 98 -9.70 -9.84 -12.78
C SER C 98 -9.37 -10.26 -14.22
N ALA C 99 -8.10 -10.09 -14.62
CA ALA C 99 -7.73 -10.29 -16.02
C ALA C 99 -8.10 -11.67 -16.46
N ARG C 100 -8.67 -11.76 -17.65
CA ARG C 100 -9.18 -13.03 -18.16
C ARG C 100 -8.06 -14.02 -18.45
N SER C 101 -8.42 -15.29 -18.52
CA SER C 101 -7.49 -16.35 -18.86
C SER C 101 -7.20 -16.42 -20.37
N LYS C 102 -6.00 -16.90 -20.71
CA LYS C 102 -5.64 -17.25 -22.11
C LYS C 102 -6.64 -18.25 -22.67
N TYR C 103 -7.14 -19.13 -21.82
CA TYR C 103 -7.97 -20.25 -22.24
C TYR C 103 -9.50 -19.94 -22.36
N GLY C 104 -9.83 -18.75 -22.88
CA GLY C 104 -11.22 -18.42 -23.26
C GLY C 104 -12.24 -18.40 -22.14
N PHE C 105 -11.92 -17.68 -21.07
CA PHE C 105 -12.90 -17.38 -20.02
C PHE C 105 -12.29 -16.35 -19.06
N GLY C 106 -13.15 -15.57 -18.43
CA GLY C 106 -12.73 -14.53 -17.50
C GLY C 106 -13.37 -14.68 -16.14
N ALA C 107 -13.39 -13.58 -15.39
CA ALA C 107 -13.89 -13.62 -14.02
C ALA C 107 -15.41 -13.73 -13.91
N LYS C 108 -16.15 -13.20 -14.89
CA LYS C 108 -17.62 -13.40 -14.92
C LYS C 108 -17.83 -14.91 -14.74
N GLU C 109 -17.25 -15.68 -15.67
CA GLU C 109 -17.36 -17.14 -15.71
C GLU C 109 -16.87 -17.75 -14.39
N VAL C 110 -15.64 -17.46 -13.98
CA VAL C 110 -15.13 -18.00 -12.71
C VAL C 110 -16.08 -17.73 -11.52
N ARG C 111 -16.46 -16.49 -11.29
CA ARG C 111 -17.27 -16.17 -10.11
C ARG C 111 -18.66 -16.79 -10.19
N SER C 112 -19.18 -16.97 -11.41
CA SER C 112 -20.49 -17.57 -11.60
C SER C 112 -20.42 -19.09 -11.69
N LEU C 113 -19.19 -19.64 -11.60
CA LEU C 113 -18.89 -21.08 -11.65
C LEU C 113 -19.28 -21.74 -12.97
N SER C 114 -19.18 -21.00 -14.07
CA SER C 114 -19.37 -21.59 -15.38
C SER C 114 -18.61 -22.92 -15.41
N GLY C 115 -19.20 -23.89 -16.09
CA GLY C 115 -18.61 -25.21 -16.23
C GLY C 115 -17.25 -25.23 -16.91
N ARG C 116 -17.08 -24.50 -18.01
CA ARG C 116 -15.78 -24.48 -18.71
C ARG C 116 -14.66 -24.02 -17.79
N ALA C 117 -14.92 -22.91 -17.08
CA ALA C 117 -14.00 -22.35 -16.11
C ALA C 117 -13.67 -23.34 -14.98
N VAL C 118 -14.70 -23.89 -14.33
CA VAL C 118 -14.51 -24.88 -13.26
C VAL C 118 -13.70 -26.08 -13.72
N ASN C 119 -13.87 -26.45 -14.98
CA ASN C 119 -13.22 -27.64 -15.47
C ASN C 119 -11.75 -27.42 -15.70
N HIS C 120 -11.43 -26.36 -16.43
CA HIS C 120 -10.05 -25.93 -16.60
C HIS C 120 -9.32 -25.84 -15.27
N ILE C 121 -10.00 -25.30 -14.26
CA ILE C 121 -9.36 -25.08 -12.99
C ILE C 121 -9.03 -26.41 -12.33
N LYS C 122 -9.97 -27.35 -12.38
CA LYS C 122 -9.73 -28.73 -11.86
C LYS C 122 -8.51 -29.37 -12.50
N SER C 123 -8.43 -29.21 -13.80
CA SER C 123 -7.33 -29.70 -14.61
C SER C 123 -5.94 -29.11 -14.18
N VAL C 124 -5.92 -27.81 -13.89
CA VAL C 124 -4.72 -27.10 -13.45
C VAL C 124 -4.27 -27.58 -12.07
N TRP C 125 -5.24 -27.80 -11.21
CA TRP C 125 -4.95 -28.26 -9.87
C TRP C 125 -4.49 -29.72 -9.87
N LYS C 126 -4.95 -30.49 -10.85
CA LYS C 126 -4.48 -31.86 -11.02
C LYS C 126 -2.98 -31.85 -11.33
N ASP C 127 -2.64 -31.02 -12.31
CA ASP C 127 -1.27 -30.86 -12.79
C ASP C 127 -0.31 -30.38 -11.70
N LEU C 128 -0.78 -29.50 -10.82
CA LEU C 128 0.01 -29.11 -9.65
C LEU C 128 0.34 -30.30 -8.76
N LEU C 129 -0.66 -31.16 -8.56
CA LEU C 129 -0.48 -32.36 -7.74
C LEU C 129 0.46 -33.39 -8.40
N GLU C 130 0.44 -33.47 -9.72
CA GLU C 130 1.16 -34.52 -10.47
C GLU C 130 2.53 -34.10 -11.00
N ASP C 131 2.91 -32.85 -10.81
CA ASP C 131 4.12 -32.34 -11.46
C ASP C 131 4.65 -31.22 -10.59
N PRO C 132 5.77 -31.45 -9.89
CA PRO C 132 6.23 -30.45 -8.95
C PRO C 132 7.49 -29.75 -9.43
N GLN C 133 7.60 -29.51 -10.73
CA GLN C 133 8.82 -28.94 -11.26
C GLN C 133 8.65 -28.05 -12.47
N THR C 134 7.92 -28.49 -13.48
CA THR C 134 7.88 -27.68 -14.71
C THR C 134 7.52 -26.22 -14.37
N PRO C 135 8.39 -25.27 -14.75
CA PRO C 135 8.04 -23.86 -14.57
C PRO C 135 6.65 -23.49 -15.10
N ILE C 136 5.94 -22.64 -14.37
CA ILE C 136 4.68 -22.06 -14.83
C ILE C 136 4.89 -20.70 -15.48
N PRO C 137 4.43 -20.54 -16.73
CA PRO C 137 4.69 -19.26 -17.39
C PRO C 137 3.90 -18.10 -16.76
N THR C 138 4.49 -16.91 -16.83
CA THR C 138 3.91 -15.70 -16.26
C THR C 138 3.89 -14.62 -17.32
N THR C 139 2.96 -13.67 -17.18
CA THR C 139 2.90 -12.48 -18.03
C THR C 139 3.55 -11.31 -17.31
N ILE C 140 4.21 -10.42 -18.06
CA ILE C 140 4.80 -9.21 -17.46
C ILE C 140 4.25 -7.94 -18.09
N MET C 141 3.75 -7.05 -17.23
CA MET C 141 3.16 -5.77 -17.66
CA MET C 141 3.16 -5.77 -17.64
C MET C 141 3.72 -4.62 -16.80
N ALA C 142 3.67 -3.42 -17.36
CA ALA C 142 4.08 -2.21 -16.67
C ALA C 142 2.83 -1.59 -16.07
N LYS C 143 2.87 -1.24 -14.79
CA LYS C 143 1.69 -0.65 -14.16
C LYS C 143 1.56 0.82 -14.56
N ASN C 144 0.33 1.26 -14.76
CA ASN C 144 0.06 2.66 -15.06
C ASN C 144 -0.35 3.39 -13.80
N GLU C 145 0.51 4.25 -13.27
CA GLU C 145 0.23 5.01 -12.04
C GLU C 145 0.50 6.49 -12.24
N VAL C 146 -0.28 7.33 -11.56
CA VAL C 146 -0.16 8.79 -11.68
C VAL C 146 0.67 9.42 -10.55
N PHE C 147 1.46 10.42 -10.92
CA PHE C 147 2.40 11.08 -10.02
C PHE C 147 2.64 12.53 -10.45
N CYS C 148 3.16 13.34 -9.54
CA CYS C 148 3.63 14.69 -9.85
C CYS C 148 5.10 14.56 -10.17
N VAL C 149 5.61 15.34 -11.10
CA VAL C 149 7.03 15.23 -11.46
C VAL C 149 7.86 15.63 -10.26
N ASP C 150 9.11 15.16 -10.21
CA ASP C 150 10.02 15.52 -9.12
C ASP C 150 11.45 15.61 -9.64
N PRO C 151 11.93 16.83 -9.97
CA PRO C 151 13.26 16.97 -10.55
C PRO C 151 14.36 16.48 -9.60
N ALA C 152 14.19 16.72 -8.30
CA ALA C 152 15.12 16.21 -7.27
C ALA C 152 15.38 14.70 -7.41
N LYS C 153 14.35 13.92 -7.75
CA LYS C 153 14.47 12.46 -7.87
C LYS C 153 14.14 11.93 -9.30
N GLY C 154 14.69 12.60 -10.32
CA GLY C 154 14.73 12.06 -11.70
C GLY C 154 13.84 12.67 -12.77
N GLY C 155 12.89 13.52 -12.40
CA GLY C 155 11.82 13.93 -13.30
C GLY C 155 10.63 12.98 -13.21
N LYS C 156 10.60 11.98 -14.10
CA LYS C 156 9.49 11.03 -14.17
C LYS C 156 9.90 9.62 -13.84
N LYS C 157 9.32 9.05 -12.77
CA LYS C 157 9.54 7.65 -12.40
C LYS C 157 9.26 6.70 -13.56
N PRO C 158 10.11 5.67 -13.73
CA PRO C 158 9.73 4.59 -14.64
C PRO C 158 8.70 3.69 -13.98
N ALA C 159 7.89 3.02 -14.80
CA ALA C 159 6.75 2.21 -14.37
C ALA C 159 7.14 0.99 -13.57
N ARG C 160 6.37 0.69 -12.53
CA ARG C 160 6.53 -0.57 -11.80
C ARG C 160 6.21 -1.73 -12.74
N LEU C 161 6.89 -2.85 -12.52
CA LEU C 161 6.67 -4.06 -13.32
C LEU C 161 5.83 -5.01 -12.55
N ILE C 162 4.76 -5.46 -13.20
CA ILE C 162 3.86 -6.41 -12.60
C ILE C 162 4.03 -7.71 -13.35
N VAL C 163 4.19 -8.79 -12.59
CA VAL C 163 4.40 -10.13 -13.14
C VAL C 163 3.41 -11.12 -12.49
N TYR C 164 2.60 -11.77 -13.31
CA TYR C 164 1.50 -12.61 -12.82
C TYR C 164 1.22 -13.83 -13.72
N PRO C 165 0.83 -14.96 -13.10
CA PRO C 165 0.41 -16.14 -13.85
C PRO C 165 -1.01 -15.97 -14.38
N ASP C 166 -1.44 -16.88 -15.25
CA ASP C 166 -2.81 -16.91 -15.78
C ASP C 166 -3.83 -17.10 -14.66
N LEU C 167 -5.05 -16.68 -14.96
CA LEU C 167 -6.17 -16.73 -14.00
C LEU C 167 -6.43 -18.11 -13.35
N GLY C 168 -6.36 -19.18 -14.14
CA GLY C 168 -6.50 -20.52 -13.60
C GLY C 168 -5.56 -20.80 -12.44
N VAL C 169 -4.32 -20.36 -12.59
CA VAL C 169 -3.32 -20.59 -11.57
C VAL C 169 -3.62 -19.75 -10.33
N ARG C 170 -4.09 -18.51 -10.55
CA ARG C 170 -4.42 -17.60 -9.43
C ARG C 170 -5.48 -18.18 -8.50
N VAL C 171 -6.43 -18.91 -9.07
CA VAL C 171 -7.46 -19.54 -8.27
C VAL C 171 -6.88 -20.69 -7.49
N CYS C 172 -6.10 -21.53 -8.17
CA CYS C 172 -5.48 -22.71 -7.54
C CYS C 172 -4.64 -22.26 -6.36
N GLU C 173 -3.83 -21.23 -6.57
CA GLU C 173 -3.11 -20.58 -5.47
C GLU C 173 -4.00 -20.38 -4.27
N LYS C 174 -5.15 -19.75 -4.49
CA LYS C 174 -6.07 -19.48 -3.39
C LYS C 174 -6.52 -20.74 -2.68
N MET C 175 -6.78 -21.80 -3.45
CA MET C 175 -7.18 -23.09 -2.87
C MET C 175 -6.15 -23.52 -1.82
N ALA C 176 -4.91 -23.70 -2.27
CA ALA C 176 -3.78 -24.12 -1.42
C ALA C 176 -3.46 -23.18 -0.23
N LEU C 177 -3.45 -21.87 -0.49
CA LEU C 177 -2.83 -20.92 0.42
C LEU C 177 -3.75 -19.93 1.15
N TYR C 178 -4.83 -19.49 0.53
CA TYR C 178 -5.71 -18.50 1.17
C TYR C 178 -5.90 -18.65 2.69
N ASP C 179 -6.38 -19.80 3.18
CA ASP C 179 -6.57 -19.92 4.64
C ASP C 179 -5.29 -19.56 5.42
N ILE C 180 -4.15 -20.03 4.92
CA ILE C 180 -2.86 -19.66 5.50
C ILE C 180 -2.71 -18.15 5.59
N THR C 181 -2.91 -17.46 4.46
CA THR C 181 -2.76 -16.01 4.39
C THR C 181 -3.60 -15.33 5.45
N GLN C 182 -4.74 -15.93 5.80
CA GLN C 182 -5.61 -15.39 6.83
C GLN C 182 -5.14 -15.66 8.26
N LYS C 183 -4.33 -16.70 8.47
CA LYS C 183 -3.95 -17.12 9.84
C LYS C 183 -2.48 -16.94 10.20
N LEU C 184 -1.59 -17.11 9.22
CA LEU C 184 -0.18 -17.29 9.50
C LEU C 184 0.51 -16.04 10.03
N PRO C 185 0.42 -14.90 9.30
CA PRO C 185 1.14 -13.73 9.74
C PRO C 185 0.88 -13.42 11.19
N GLN C 186 -0.37 -13.23 11.59
CA GLN C 186 -0.64 -12.82 12.96
C GLN C 186 -0.08 -13.83 14.00
N ALA C 187 -0.15 -15.11 13.65
CA ALA C 187 0.39 -16.16 14.52
C ALA C 187 1.92 -16.07 14.66
N VAL C 188 2.58 -15.60 13.61
CA VAL C 188 4.02 -15.51 13.60
C VAL C 188 4.55 -14.20 14.22
N MET C 189 3.84 -13.09 14.01
CA MET C 189 4.35 -11.76 14.36
C MET C 189 3.59 -11.07 15.46
N GLY C 190 2.51 -11.65 15.94
CA GLY C 190 1.73 -11.02 17.00
C GLY C 190 1.36 -9.59 16.66
N ALA C 191 1.55 -8.71 17.63
CA ALA C 191 1.22 -7.30 17.48
C ALA C 191 2.09 -6.57 16.43
N SER C 192 3.23 -7.15 16.03
CA SER C 192 4.04 -6.57 14.96
C SER C 192 3.41 -6.67 13.57
N TYR C 193 2.38 -7.50 13.40
CA TYR C 193 1.72 -7.61 12.10
C TYR C 193 0.87 -6.39 11.86
N GLY C 194 1.33 -5.53 10.97
CA GLY C 194 0.77 -4.18 10.80
C GLY C 194 -0.56 -4.12 10.11
N PHE C 195 -0.78 -4.95 9.10
CA PHE C 195 -2.05 -4.96 8.39
C PHE C 195 -3.27 -5.26 9.30
N GLN C 196 -3.06 -5.90 10.45
CA GLN C 196 -4.16 -6.14 11.41
C GLN C 196 -4.83 -4.85 11.92
N TYR C 197 -4.06 -3.77 12.07
CA TYR C 197 -4.55 -2.54 12.72
C TYR C 197 -5.30 -1.64 11.77
N SER C 198 -6.19 -0.83 12.35
CA SER C 198 -6.82 0.30 11.64
C SER C 198 -5.89 1.50 11.76
N PRO C 199 -6.12 2.55 10.95
CA PRO C 199 -5.24 3.72 11.08
C PRO C 199 -5.19 4.27 12.51
N ALA C 200 -6.32 4.24 13.20
CA ALA C 200 -6.36 4.77 14.54
C ALA C 200 -5.59 3.88 15.48
N GLN C 201 -5.75 2.57 15.34
CA GLN C 201 -5.03 1.64 16.21
C GLN C 201 -3.53 1.72 15.97
N ARG C 202 -3.14 1.88 14.71
CA ARG C 202 -1.73 2.03 14.35
C ARG C 202 -1.14 3.23 15.06
N VAL C 203 -1.88 4.33 15.12
CA VAL C 203 -1.46 5.49 15.92
C VAL C 203 -1.41 5.17 17.44
N GLU C 204 -2.48 4.59 17.98
CA GLU C 204 -2.51 4.25 19.41
C GLU C 204 -1.29 3.37 19.71
N TYR C 205 -0.97 2.47 18.79
CA TYR C 205 0.08 1.51 19.01
C TYR C 205 1.44 2.15 19.02
N LEU C 206 1.65 3.05 18.07
CA LEU C 206 2.92 3.78 17.98
C LEU C 206 3.11 4.65 19.22
N LEU C 207 2.06 5.36 19.61
CA LEU C 207 2.11 6.15 20.83
C LEU C 207 2.33 5.32 22.08
N LYS C 208 1.61 4.19 22.21
CA LYS C 208 1.81 3.31 23.38
C LYS C 208 3.28 2.89 23.43
N ALA C 209 3.83 2.43 22.31
CA ALA C 209 5.24 2.04 22.22
C ALA C 209 6.14 3.18 22.67
N TRP C 210 5.94 4.33 22.04
CA TRP C 210 6.73 5.51 22.33
C TRP C 210 6.66 5.82 23.82
N ALA C 211 5.45 5.80 24.34
CA ALA C 211 5.22 6.16 25.72
C ALA C 211 5.93 5.24 26.69
N GLU C 212 6.00 3.95 26.39
CA GLU C 212 6.45 2.98 27.39
C GLU C 212 7.99 2.83 27.46
N LYS C 213 8.73 3.47 26.55
CA LYS C 213 10.19 3.56 26.70
C LYS C 213 10.53 4.55 27.79
N LYS C 214 11.68 4.35 28.44
CA LYS C 214 12.25 5.36 29.32
C LYS C 214 12.77 6.53 28.45
N ASP C 215 13.36 6.21 27.29
CA ASP C 215 14.04 7.20 26.47
C ASP C 215 13.99 6.74 24.99
N PRO C 216 12.85 6.98 24.33
CA PRO C 216 12.54 6.42 23.01
C PRO C 216 13.48 6.86 21.93
N MET C 217 13.70 5.96 20.97
CA MET C 217 14.35 6.28 19.72
C MET C 217 13.61 5.51 18.64
N GLY C 218 13.27 6.18 17.56
CA GLY C 218 12.52 5.55 16.49
C GLY C 218 13.24 5.63 15.18
N PHE C 219 12.94 4.69 14.29
CA PHE C 219 13.34 4.78 12.90
C PHE C 219 12.46 3.93 12.02
N SER C 220 12.58 4.13 10.72
CA SER C 220 11.84 3.35 9.76
C SER C 220 12.81 2.84 8.71
N TYR C 221 12.40 1.78 8.03
CA TYR C 221 13.26 1.16 7.05
C TYR C 221 12.40 0.68 5.90
N ASP C 222 12.93 0.82 4.70
CA ASP C 222 12.28 0.35 3.48
C ASP C 222 13.38 -0.27 2.64
N THR C 223 13.01 -1.23 1.80
CA THR C 223 14.00 -1.90 0.99
C THR C 223 13.81 -1.47 -0.46
N ARG C 224 14.93 -1.28 -1.14
CA ARG C 224 14.97 -0.78 -2.49
C ARG C 224 14.59 -1.93 -3.41
N HIS C 225 13.49 -1.79 -4.14
CA HIS C 225 13.03 -2.84 -5.05
C HIS C 225 12.97 -4.17 -4.33
N PHE C 226 12.19 -4.21 -3.25
CA PHE C 226 12.16 -5.38 -2.36
C PHE C 226 11.88 -6.68 -3.09
N ASP C 227 11.00 -6.62 -4.09
CA ASP C 227 10.68 -7.83 -4.83
C ASP C 227 11.90 -8.45 -5.55
N SER C 228 12.82 -7.63 -6.06
CA SER C 228 14.07 -8.16 -6.65
C SER C 228 14.99 -8.76 -5.62
N THR C 229 14.95 -8.23 -4.39
CA THR C 229 15.90 -8.66 -3.36
C THR C 229 15.55 -10.00 -2.76
N VAL C 230 14.35 -10.52 -3.08
CA VAL C 230 13.96 -11.80 -2.55
C VAL C 230 14.72 -12.92 -3.29
N THR C 231 15.43 -13.73 -2.51
CA THR C 231 16.23 -14.81 -3.08
C THR C 231 15.41 -16.09 -3.22
N GLU C 232 15.76 -16.88 -4.23
CA GLU C 232 15.21 -18.23 -4.40
C GLU C 232 15.15 -18.94 -3.07
N ARG C 233 16.21 -18.82 -2.30
CA ARG C 233 16.27 -19.43 -1.00
C ARG C 233 15.24 -18.86 0.01
N ASP C 234 15.03 -17.55 0.00
CA ASP C 234 14.02 -16.90 0.86
C ASP C 234 12.64 -17.49 0.62
N ILE C 235 12.33 -17.71 -0.65
CA ILE C 235 11.03 -18.19 -1.09
C ILE C 235 10.84 -19.63 -0.64
N ARG C 236 11.89 -20.42 -0.75
CA ARG C 236 11.91 -21.76 -0.18
C ARG C 236 11.81 -21.72 1.36
N THR C 237 12.54 -20.82 2.00
CA THR C 237 12.37 -20.65 3.44
C THR C 237 10.92 -20.22 3.77
N GLU C 238 10.32 -19.44 2.87
CA GLU C 238 8.91 -19.11 3.00
C GLU C 238 8.07 -20.40 2.98
N GLU C 239 8.28 -21.25 1.97
CA GLU C 239 7.59 -22.54 1.96
C GLU C 239 7.71 -23.25 3.31
N SER C 240 8.94 -23.50 3.75
CA SER C 240 9.13 -24.25 4.99
C SER C 240 8.42 -23.61 6.17
N ILE C 241 8.19 -22.30 6.12
CA ILE C 241 7.37 -21.67 7.16
C ILE C 241 5.90 -22.05 6.97
N TYR C 242 5.44 -22.15 5.72
CA TYR C 242 4.04 -22.53 5.46
C TYR C 242 3.81 -23.95 5.94
N GLN C 243 4.79 -24.81 5.70
CA GLN C 243 4.67 -26.24 6.04
C GLN C 243 4.68 -26.48 7.54
N ALA C 244 5.28 -25.58 8.32
CA ALA C 244 5.27 -25.74 9.76
C ALA C 244 3.85 -25.87 10.35
N CYS C 245 2.84 -25.42 9.61
CA CYS C 245 1.45 -25.48 10.08
C CYS C 245 0.93 -26.90 9.95
N SER C 246 -0.19 -27.21 10.61
CA SER C 246 -0.94 -28.41 10.29
C SER C 246 -1.60 -28.15 8.94
N LEU C 247 -1.45 -29.11 8.01
CA LEU C 247 -2.03 -29.01 6.67
C LEU C 247 -2.50 -30.36 6.16
N PRO C 248 -3.66 -30.38 5.49
CA PRO C 248 -3.96 -31.46 4.56
C PRO C 248 -2.76 -31.81 3.71
N GLU C 249 -2.55 -33.10 3.52
CA GLU C 249 -1.44 -33.59 2.71
C GLU C 249 -1.53 -32.98 1.28
N GLU C 250 -2.76 -32.80 0.78
CA GLU C 250 -3.00 -32.32 -0.57
C GLU C 250 -2.51 -30.89 -0.79
N ALA C 251 -2.67 -30.07 0.25
CA ALA C 251 -2.13 -28.72 0.28
C ALA C 251 -0.61 -28.73 0.15
N ARG C 252 0.05 -29.48 1.03
CA ARG C 252 1.51 -29.55 1.05
C ARG C 252 2.06 -29.76 -0.35
N THR C 253 1.49 -30.72 -1.05
CA THR C 253 1.95 -31.03 -2.38
C THR C 253 1.77 -29.84 -3.32
N ALA C 254 0.64 -29.14 -3.15
CA ALA C 254 0.30 -27.95 -3.92
C ALA C 254 1.20 -26.76 -3.55
N ILE C 255 1.33 -26.49 -2.26
CA ILE C 255 2.26 -25.47 -1.79
C ILE C 255 3.62 -25.69 -2.43
N HIS C 256 4.17 -26.89 -2.24
CA HIS C 256 5.50 -27.19 -2.75
C HIS C 256 5.55 -27.09 -4.27
N SER C 257 4.52 -27.54 -4.95
CA SER C 257 4.54 -27.48 -6.40
C SER C 257 4.53 -26.02 -6.86
N LEU C 258 3.71 -25.20 -6.19
CA LEU C 258 3.57 -23.78 -6.52
C LEU C 258 4.87 -23.03 -6.22
N THR C 259 5.50 -23.37 -5.09
CA THR C 259 6.82 -22.84 -4.72
C THR C 259 7.84 -23.06 -5.83
N GLU C 260 8.00 -24.30 -6.23
CA GLU C 260 9.09 -24.67 -7.15
C GLU C 260 8.76 -24.24 -8.55
N ARG C 261 7.46 -24.19 -8.88
CA ARG C 261 7.07 -23.90 -10.25
C ARG C 261 6.80 -22.43 -10.50
N LEU C 262 6.25 -21.76 -9.48
CA LEU C 262 5.78 -20.39 -9.65
C LEU C 262 6.58 -19.39 -8.85
N TYR C 263 6.69 -19.63 -7.55
CA TYR C 263 7.19 -18.62 -6.64
C TYR C 263 8.68 -18.34 -6.73
N VAL C 264 9.54 -19.37 -6.73
CA VAL C 264 10.99 -19.13 -6.91
C VAL C 264 11.41 -18.63 -8.30
N GLY C 265 10.54 -18.71 -9.30
CA GLY C 265 10.93 -18.20 -10.59
C GLY C 265 10.15 -18.70 -11.76
N GLY C 266 10.65 -18.38 -12.94
CA GLY C 266 10.07 -18.86 -14.17
C GLY C 266 10.19 -17.87 -15.31
N PRO C 267 9.78 -18.29 -16.50
CA PRO C 267 9.84 -17.43 -17.66
C PRO C 267 8.77 -16.36 -17.63
N MET C 268 8.92 -15.38 -18.51
CA MET C 268 8.09 -14.20 -18.53
C MET C 268 7.78 -13.91 -19.98
N PHE C 269 6.52 -13.64 -20.27
CA PHE C 269 6.09 -13.33 -21.62
C PHE C 269 5.44 -11.96 -21.63
N ASN C 270 5.71 -11.20 -22.68
CA ASN C 270 5.09 -9.89 -22.85
C ASN C 270 3.67 -10.04 -23.41
N SER C 271 2.92 -8.95 -23.42
CA SER C 271 1.50 -9.04 -23.75
C SER C 271 1.28 -9.48 -25.19
N LYS C 272 2.22 -9.19 -26.08
CA LYS C 272 2.09 -9.60 -27.48
C LYS C 272 2.44 -11.11 -27.63
N GLY C 273 3.03 -11.73 -26.62
CA GLY C 273 3.19 -13.18 -26.64
C GLY C 273 4.62 -13.70 -26.61
N GLN C 274 5.59 -12.91 -27.09
CA GLN C 274 7.02 -13.34 -27.11
C GLN C 274 7.56 -13.67 -25.73
N THR C 275 8.63 -14.44 -25.69
CA THR C 275 9.38 -14.62 -24.46
C THR C 275 10.10 -13.31 -24.16
N CYS C 276 10.07 -12.91 -22.90
CA CYS C 276 10.54 -11.58 -22.50
C CYS C 276 11.73 -11.66 -21.57
N GLY C 277 11.74 -12.65 -20.68
CA GLY C 277 12.84 -12.81 -19.75
C GLY C 277 12.65 -14.00 -18.83
N TYR C 278 13.43 -14.02 -17.75
CA TYR C 278 13.33 -15.07 -16.75
C TYR C 278 13.57 -14.46 -15.37
N ARG C 279 12.93 -15.05 -14.38
CA ARG C 279 12.73 -14.47 -13.08
C ARG C 279 13.28 -15.38 -11.99
N ARG C 280 14.02 -14.82 -11.04
CA ARG C 280 14.52 -15.60 -9.91
C ARG C 280 14.29 -14.86 -8.59
N CYS C 281 13.22 -14.10 -8.54
CA CYS C 281 12.85 -13.35 -7.35
C CYS C 281 11.34 -13.36 -7.21
N ARG C 282 10.85 -12.63 -6.22
CA ARG C 282 9.41 -12.40 -6.06
C ARG C 282 8.70 -11.97 -7.35
N ALA C 283 7.56 -12.62 -7.61
CA ALA C 283 6.60 -12.12 -8.58
C ALA C 283 5.60 -11.27 -7.82
N SER C 284 5.41 -10.03 -8.26
CA SER C 284 4.45 -9.13 -7.68
C SER C 284 3.05 -9.73 -7.66
N GLY C 285 2.70 -10.44 -8.74
CA GLY C 285 1.32 -10.89 -8.98
C GLY C 285 0.74 -12.04 -8.20
N VAL C 286 1.52 -12.69 -7.34
CA VAL C 286 1.02 -13.92 -6.69
C VAL C 286 0.34 -13.62 -5.37
N LEU C 287 -0.41 -14.60 -4.89
CA LEU C 287 -1.16 -14.51 -3.62
C LEU C 287 -0.25 -14.32 -2.41
N THR C 288 0.88 -15.01 -2.42
CA THR C 288 1.88 -14.94 -1.34
C THR C 288 2.75 -13.68 -1.32
N THR C 289 2.65 -12.85 -2.36
CA THR C 289 3.40 -11.60 -2.43
C THR C 289 3.34 -10.80 -1.14
N SER C 290 2.13 -10.54 -0.65
CA SER C 290 1.99 -9.70 0.54
C SER C 290 2.40 -10.41 1.83
N MET C 291 1.86 -11.61 2.07
CA MET C 291 2.19 -12.42 3.24
C MET C 291 3.69 -12.69 3.26
N GLY C 292 4.19 -13.18 2.15
CA GLY C 292 5.61 -13.47 1.99
C GLY C 292 6.51 -12.28 2.27
N ASN C 293 6.20 -11.12 1.67
CA ASN C 293 6.99 -9.93 1.91
C ASN C 293 7.06 -9.60 3.38
N THR C 294 5.91 -9.63 4.02
CA THR C 294 5.81 -9.24 5.41
C THR C 294 6.56 -10.19 6.34
N ILE C 295 6.43 -11.50 6.12
CA ILE C 295 7.13 -12.46 6.98
C ILE C 295 8.62 -12.36 6.76
N THR C 296 9.02 -12.41 5.50
CA THR C 296 10.42 -12.35 5.15
C THR C 296 11.05 -11.05 5.67
N CYS C 297 10.37 -9.93 5.49
CA CYS C 297 10.90 -8.69 5.99
C CYS C 297 11.02 -8.80 7.50
N TYR C 298 10.00 -9.32 8.16
CA TYR C 298 10.04 -9.42 9.62
C TYR C 298 11.23 -10.27 10.13
N VAL C 299 11.58 -11.32 9.40
CA VAL C 299 12.67 -12.22 9.79
C VAL C 299 13.99 -11.47 9.75
N LYS C 300 14.28 -10.94 8.58
CA LYS C 300 15.49 -10.19 8.38
C LYS C 300 15.58 -9.02 9.39
N ALA C 301 14.50 -8.27 9.54
CA ALA C 301 14.51 -7.08 10.38
C ALA C 301 14.75 -7.40 11.86
N LEU C 302 14.13 -8.46 12.34
CA LEU C 302 14.31 -8.82 13.75
C LEU C 302 15.71 -9.42 13.95
N ALA C 303 16.23 -10.06 12.91
CA ALA C 303 17.58 -10.59 12.98
C ALA C 303 18.54 -9.42 13.02
N ALA C 304 18.36 -8.49 12.11
CA ALA C 304 19.18 -7.28 12.05
C ALA C 304 19.09 -6.49 13.36
N CYS C 305 17.90 -6.41 13.95
CA CYS C 305 17.77 -5.73 15.23
C CYS C 305 18.72 -6.34 16.23
N LYS C 306 18.79 -7.67 16.22
CA LYS C 306 19.64 -8.41 17.15
C LYS C 306 21.12 -8.26 16.82
N ALA C 307 21.46 -8.26 15.53
CA ALA C 307 22.84 -8.00 15.13
C ALA C 307 23.34 -6.63 15.64
N ALA C 308 22.44 -5.65 15.63
CA ALA C 308 22.81 -4.26 15.81
C ALA C 308 22.64 -3.84 17.24
N GLY C 309 22.04 -4.69 18.06
CA GLY C 309 21.92 -4.38 19.48
C GLY C 309 20.78 -3.45 19.84
N ILE C 310 19.81 -3.29 18.95
CA ILE C 310 18.67 -2.45 19.24
C ILE C 310 18.03 -2.94 20.53
N VAL C 311 17.93 -2.09 21.54
CA VAL C 311 17.39 -2.53 22.84
C VAL C 311 15.87 -2.37 22.88
N ALA C 312 15.19 -3.40 23.38
CA ALA C 312 13.74 -3.36 23.63
C ALA C 312 12.93 -2.92 22.41
N PRO C 313 13.21 -3.50 21.25
CA PRO C 313 12.55 -3.09 20.02
C PRO C 313 11.08 -3.41 20.04
N THR C 314 10.26 -2.46 19.55
CA THR C 314 8.85 -2.65 19.29
C THR C 314 8.60 -2.39 17.82
N MET C 315 8.22 -3.44 17.09
CA MET C 315 8.18 -3.38 15.63
C MET C 315 6.78 -3.23 15.06
N LEU C 316 6.74 -2.90 13.79
CA LEU C 316 5.50 -2.80 13.06
C LEU C 316 5.84 -3.05 11.60
N VAL C 317 5.29 -4.11 11.02
CA VAL C 317 5.65 -4.48 9.65
C VAL C 317 4.43 -4.56 8.74
N CYS C 318 4.54 -3.87 7.60
CA CYS C 318 3.53 -3.88 6.58
C CYS C 318 4.31 -4.06 5.29
N GLY C 319 4.53 -5.30 4.88
CA GLY C 319 5.26 -5.55 3.64
C GLY C 319 6.73 -5.35 3.88
N ASP C 320 7.39 -4.52 3.07
CA ASP C 320 8.82 -4.22 3.28
C ASP C 320 9.02 -2.94 4.04
N ASP C 321 7.96 -2.42 4.64
CA ASP C 321 7.99 -1.17 5.36
C ASP C 321 7.89 -1.48 6.84
N LEU C 322 8.86 -1.01 7.61
CA LEU C 322 8.79 -1.13 9.07
C LEU C 322 9.24 0.08 9.85
N ILE C 323 8.82 0.07 11.12
CA ILE C 323 9.14 1.07 12.11
C ILE C 323 9.55 0.31 13.36
N VAL C 324 10.72 0.65 13.89
CA VAL C 324 11.10 0.11 15.17
C VAL C 324 11.18 1.25 16.15
N ILE C 325 10.57 1.07 17.31
CA ILE C 325 10.68 2.01 18.42
C ILE C 325 11.39 1.28 19.57
N SER C 326 12.50 1.84 20.04
CA SER C 326 13.44 1.17 20.96
C SER C 326 13.92 2.15 22.03
N GLU C 327 14.73 1.64 22.97
CA GLU C 327 15.35 2.49 23.98
C GLU C 327 16.64 3.03 23.43
N SER C 328 16.81 4.34 23.49
CA SER C 328 18.03 4.96 22.99
C SER C 328 19.20 4.54 23.86
N GLN C 329 20.36 4.40 23.24
CA GLN C 329 21.63 4.15 23.93
C GLN C 329 22.55 5.38 23.70
N GLY C 330 21.94 6.56 23.76
CA GLY C 330 22.61 7.79 23.39
C GLY C 330 22.70 7.88 21.88
N THR C 331 22.82 9.10 21.38
CA THR C 331 22.89 9.31 19.96
C THR C 331 24.12 8.64 19.34
N GLU C 332 25.23 8.62 20.06
CA GLU C 332 26.50 8.11 19.50
C GLU C 332 26.35 6.63 19.16
N GLU C 333 25.86 5.84 20.14
CA GLU C 333 25.65 4.40 19.94
C GLU C 333 24.50 4.17 18.97
N ASP C 334 23.38 4.86 19.18
CA ASP C 334 22.23 4.82 18.23
C ASP C 334 22.61 4.97 16.76
N GLU C 335 23.56 5.84 16.45
CA GLU C 335 23.94 6.05 15.07
C GLU C 335 24.72 4.82 14.62
N ARG C 336 25.54 4.30 15.53
CA ARG C 336 26.36 3.11 15.25
C ARG C 336 25.47 1.91 14.90
N ASN C 337 24.46 1.69 15.73
CA ASN C 337 23.57 0.54 15.61
C ASN C 337 22.70 0.55 14.37
N LEU C 338 22.20 1.71 13.98
CA LEU C 338 21.48 1.79 12.73
C LEU C 338 22.39 1.49 11.55
N ARG C 339 23.65 1.88 11.63
CA ARG C 339 24.59 1.55 10.59
C ARG C 339 24.66 0.03 10.52
N ALA C 340 24.79 -0.60 11.69
CA ALA C 340 24.86 -2.07 11.83
C ALA C 340 23.63 -2.78 11.29
N PHE C 341 22.47 -2.30 11.73
CA PHE C 341 21.17 -2.77 11.25
C PHE C 341 21.18 -2.79 9.74
N THR C 342 21.64 -1.69 9.16
CA THR C 342 21.63 -1.56 7.72
C THR C 342 22.65 -2.48 7.05
N GLU C 343 23.78 -2.75 7.71
CA GLU C 343 24.74 -3.73 7.16
C GLU C 343 24.11 -5.13 7.20
N ALA C 344 23.63 -5.53 8.38
CA ALA C 344 22.99 -6.83 8.55
C ALA C 344 21.92 -7.07 7.50
N MET C 345 21.00 -6.12 7.37
CA MET C 345 19.95 -6.21 6.35
C MET C 345 20.55 -6.40 4.96
N THR C 346 21.58 -5.62 4.64
CA THR C 346 22.24 -5.71 3.33
C THR C 346 22.87 -7.10 3.12
N ARG C 347 23.47 -7.65 4.18
CA ARG C 347 24.02 -9.00 4.12
C ARG C 347 22.89 -10.00 3.88
N TYR C 348 21.73 -9.78 4.50
CA TYR C 348 20.54 -10.60 4.21
C TYR C 348 19.85 -10.32 2.87
N SER C 349 20.40 -9.44 2.03
CA SER C 349 19.76 -9.08 0.75
C SER C 349 18.45 -8.30 0.90
N ALA C 350 18.49 -7.24 1.69
CA ALA C 350 17.38 -6.31 1.83
C ALA C 350 17.99 -4.98 2.20
N PRO C 351 18.64 -4.31 1.22
CA PRO C 351 19.34 -3.06 1.45
C PRO C 351 18.39 -1.88 1.33
N PRO C 352 18.73 -0.74 1.93
CA PRO C 352 17.82 0.38 2.02
C PRO C 352 17.76 1.18 0.74
N GLY C 353 16.59 1.76 0.48
CA GLY C 353 16.43 2.75 -0.59
C GLY C 353 17.21 3.98 -0.19
N ASP C 354 16.89 4.52 0.98
CA ASP C 354 17.67 5.59 1.59
C ASP C 354 18.05 5.16 2.99
N PRO C 355 19.33 5.25 3.32
CA PRO C 355 19.72 4.67 4.60
C PRO C 355 18.98 5.37 5.72
N PRO C 356 18.62 4.62 6.75
CA PRO C 356 17.86 5.13 7.88
C PRO C 356 18.68 5.93 8.88
N ARG C 357 17.96 6.61 9.76
CA ARG C 357 18.52 7.54 10.74
C ARG C 357 17.73 7.47 12.05
N PRO C 358 18.41 7.48 13.19
CA PRO C 358 17.60 7.47 14.41
C PRO C 358 16.92 8.81 14.62
N GLU C 359 15.69 8.78 15.11
CA GLU C 359 14.92 10.00 15.35
C GLU C 359 14.34 9.95 16.74
N TYR C 360 14.09 11.12 17.33
CA TYR C 360 13.63 11.19 18.72
C TYR C 360 12.33 12.01 18.87
N ASP C 361 11.60 12.14 17.76
CA ASP C 361 10.33 12.84 17.68
C ASP C 361 9.46 12.05 16.72
N LEU C 362 8.27 11.67 17.18
CA LEU C 362 7.41 10.79 16.41
C LEU C 362 7.00 11.36 15.04
N GLU C 363 6.88 12.70 14.91
CA GLU C 363 6.48 13.33 13.63
C GLU C 363 7.47 13.10 12.47
N LEU C 364 8.74 12.87 12.81
CA LEU C 364 9.80 12.72 11.81
C LEU C 364 10.01 11.32 11.25
N ILE C 365 9.19 10.35 11.69
CA ILE C 365 9.25 8.97 11.18
C ILE C 365 8.17 8.74 10.14
N THR C 366 8.54 8.62 8.87
CA THR C 366 7.60 8.25 7.80
C THR C 366 7.66 6.75 7.54
N SER C 367 6.52 6.14 7.22
CA SER C 367 6.46 4.75 6.80
C SER C 367 5.18 4.56 6.01
N CYS C 368 5.22 3.78 4.93
CA CYS C 368 4.05 3.63 4.04
C CYS C 368 3.57 5.00 3.51
N SER C 369 4.52 5.88 3.19
CA SER C 369 4.23 7.25 2.73
C SER C 369 3.30 8.06 3.64
N SER C 370 3.26 7.74 4.94
CA SER C 370 2.42 8.46 5.89
C SER C 370 3.11 8.60 7.23
N ASN C 371 2.61 9.50 8.06
CA ASN C 371 3.22 9.73 9.38
C ASN C 371 2.26 10.29 10.40
N VAL C 372 2.67 10.22 11.66
CA VAL C 372 1.85 10.73 12.72
C VAL C 372 2.15 12.20 12.95
N SER C 373 1.10 12.97 13.16
CA SER C 373 1.27 14.35 13.49
C SER C 373 0.30 14.70 14.60
N VAL C 374 0.31 15.96 14.97
CA VAL C 374 -0.47 16.39 16.10
C VAL C 374 -1.08 17.74 15.82
N ALA C 375 -2.31 17.90 16.28
CA ALA C 375 -2.90 19.22 16.45
C ALA C 375 -3.75 19.27 17.74
N LEU C 376 -4.40 20.40 17.96
CA LEU C 376 -5.21 20.61 19.16
C LEU C 376 -6.67 20.37 18.83
N GLY C 377 -7.38 19.80 19.79
CA GLY C 377 -8.77 19.43 19.62
C GLY C 377 -9.69 20.52 20.12
N PRO C 378 -11.01 20.21 20.17
CA PRO C 378 -12.03 21.20 20.49
C PRO C 378 -11.77 21.84 21.84
N ARG C 379 -11.59 21.00 22.87
CA ARG C 379 -11.38 21.45 24.25
C ARG C 379 -9.90 21.73 24.58
N GLY C 380 -9.00 21.67 23.59
CA GLY C 380 -7.60 22.09 23.76
C GLY C 380 -6.57 21.01 24.07
N ARG C 381 -7.02 19.75 24.13
CA ARG C 381 -6.15 18.57 24.29
C ARG C 381 -5.33 18.29 22.99
N ARG C 382 -4.13 17.72 23.11
CA ARG C 382 -3.36 17.30 21.91
C ARG C 382 -4.14 16.14 21.29
N ARG C 383 -4.29 16.12 19.97
CA ARG C 383 -4.93 14.99 19.27
C ARG C 383 -3.97 14.52 18.14
N TYR C 384 -3.44 13.30 18.29
CA TYR C 384 -2.49 12.73 17.34
C TYR C 384 -3.29 12.07 16.20
N TYR C 385 -2.77 12.13 14.98
CA TYR C 385 -3.50 11.65 13.82
C TYR C 385 -2.55 11.31 12.69
N LEU C 386 -3.08 10.80 11.60
CA LEU C 386 -2.26 10.32 10.49
C LEU C 386 -2.41 11.20 9.25
N THR C 387 -1.28 11.47 8.59
CA THR C 387 -1.25 12.37 7.43
C THR C 387 -0.08 12.00 6.51
N ARG C 388 0.07 12.76 5.42
CA ARG C 388 1.11 12.53 4.44
C ARG C 388 1.37 13.75 3.56
N ASP C 389 2.39 13.64 2.72
CA ASP C 389 2.60 14.63 1.70
C ASP C 389 1.39 14.54 0.76
N PRO C 390 0.67 15.65 0.57
CA PRO C 390 -0.48 15.67 -0.32
C PRO C 390 -0.15 15.70 -1.81
N THR C 391 1.13 15.85 -2.14
CA THR C 391 1.56 15.93 -3.53
C THR C 391 0.87 14.89 -4.41
N THR C 392 1.08 13.61 -4.12
CA THR C 392 0.47 12.58 -4.97
C THR C 392 -1.06 12.66 -5.01
N PRO C 393 -1.72 12.67 -3.84
CA PRO C 393 -3.20 12.80 -3.88
C PRO C 393 -3.70 13.99 -4.72
N LEU C 394 -3.04 15.14 -4.64
CA LEU C 394 -3.43 16.27 -5.47
C LEU C 394 -3.19 15.97 -6.94
N ALA C 395 -2.04 15.39 -7.27
CA ALA C 395 -1.78 15.03 -8.65
C ALA C 395 -2.85 14.08 -9.18
N ARG C 396 -3.17 13.06 -8.40
CA ARG C 396 -4.20 12.08 -8.80
C ARG C 396 -5.57 12.71 -8.86
N ALA C 397 -5.78 13.72 -8.01
CA ALA C 397 -6.97 14.54 -8.05
C ALA C 397 -7.17 15.23 -9.40
N ALA C 398 -6.09 15.41 -10.16
CA ALA C 398 -6.16 16.12 -11.45
C ALA C 398 -5.98 15.23 -12.65
N TRP C 399 -6.15 13.92 -12.46
CA TRP C 399 -5.99 12.98 -13.55
C TRP C 399 -7.35 12.80 -14.26
N GLU C 400 -7.56 13.57 -15.33
CA GLU C 400 -8.80 13.51 -16.13
C GLU C 400 -8.53 13.01 -17.54
N THR C 401 -9.16 11.89 -17.88
CA THR C 401 -9.05 11.25 -19.18
C THR C 401 -10.45 10.93 -19.71
N VAL C 402 -10.59 10.84 -21.03
CA VAL C 402 -11.79 10.23 -21.61
C VAL C 402 -12.31 9.07 -20.73
N ARG C 403 -11.47 8.07 -20.46
CA ARG C 403 -11.85 6.90 -19.67
C ARG C 403 -11.97 7.13 -18.15
N HIS C 404 -11.22 8.07 -17.57
CA HIS C 404 -11.11 8.19 -16.10
C HIS C 404 -11.53 9.55 -15.51
N SER C 405 -12.31 9.51 -14.43
CA SER C 405 -12.64 10.70 -13.65
C SER C 405 -12.01 10.54 -12.27
N PRO C 406 -11.54 11.64 -11.67
CA PRO C 406 -10.83 11.53 -10.39
C PRO C 406 -11.70 11.76 -9.15
N ILE C 407 -13.00 11.95 -9.35
CA ILE C 407 -13.90 12.36 -8.27
C ILE C 407 -13.87 11.30 -7.17
N ASN C 408 -13.85 10.04 -7.57
CA ASN C 408 -13.74 8.95 -6.62
C ASN C 408 -12.52 9.11 -5.75
N SER C 409 -11.39 9.41 -6.38
CA SER C 409 -10.13 9.66 -5.65
C SER C 409 -10.23 10.81 -4.64
N TRP C 410 -10.99 11.84 -4.96
CA TRP C 410 -11.15 12.96 -4.03
C TRP C 410 -11.80 12.43 -2.76
N LEU C 411 -12.94 11.76 -2.94
CA LEU C 411 -13.67 11.17 -1.83
C LEU C 411 -12.85 10.16 -1.05
N GLY C 412 -12.09 9.34 -1.74
CA GLY C 412 -11.28 8.34 -1.06
C GLY C 412 -10.34 8.99 -0.09
N ASN C 413 -9.63 10.01 -0.58
CA ASN C 413 -8.71 10.77 0.26
C ASN C 413 -9.47 11.64 1.31
N ILE C 414 -10.65 12.15 0.98
CA ILE C 414 -11.40 12.91 1.98
C ILE C 414 -11.70 12.07 3.23
N ILE C 415 -12.08 10.82 3.03
CA ILE C 415 -12.40 9.90 4.12
C ILE C 415 -11.14 9.45 4.85
N GLN C 416 -10.20 8.86 4.11
CA GLN C 416 -9.00 8.32 4.73
C GLN C 416 -8.27 9.38 5.54
N TYR C 417 -8.28 10.64 5.07
CA TYR C 417 -7.49 11.70 5.69
C TYR C 417 -8.32 12.92 6.14
N ALA C 418 -9.56 12.68 6.54
CA ALA C 418 -10.48 13.74 7.00
C ALA C 418 -10.00 14.71 8.10
N PRO C 419 -9.07 14.29 9.01
CA PRO C 419 -8.55 15.27 9.98
C PRO C 419 -7.41 16.13 9.47
N THR C 420 -6.91 15.87 8.27
CA THR C 420 -5.75 16.58 7.76
C THR C 420 -6.15 17.95 7.26
N ILE C 421 -5.33 18.94 7.54
CA ILE C 421 -5.61 20.30 7.13
C ILE C 421 -5.82 20.38 5.61
N TRP C 422 -5.01 19.65 4.84
CA TRP C 422 -5.12 19.63 3.36
C TRP C 422 -6.43 19.05 2.85
N VAL C 423 -6.95 18.00 3.49
CA VAL C 423 -8.28 17.49 3.12
C VAL C 423 -9.36 18.50 3.45
N ARG C 424 -9.28 19.08 4.64
CA ARG C 424 -10.40 19.88 5.13
C ARG C 424 -10.55 21.21 4.39
N MET C 425 -9.42 21.82 4.05
CA MET C 425 -9.41 23.11 3.40
C MET C 425 -9.37 22.99 1.87
N VAL C 426 -8.67 22.00 1.36
CA VAL C 426 -8.53 21.89 -0.08
C VAL C 426 -9.54 20.90 -0.65
N LEU C 427 -9.37 19.61 -0.39
CA LEU C 427 -10.19 18.63 -1.10
C LEU C 427 -11.67 18.75 -0.83
N MET C 428 -12.06 18.83 0.44
CA MET C 428 -13.47 18.98 0.79
C MET C 428 -14.10 20.15 0.06
N THR C 429 -13.52 21.33 0.25
CA THR C 429 -13.99 22.53 -0.40
C THR C 429 -14.22 22.29 -1.89
N HIS C 430 -13.23 21.70 -2.54
CA HIS C 430 -13.31 21.47 -3.96
C HIS C 430 -14.36 20.41 -4.33
N PHE C 431 -14.38 19.31 -3.59
CA PHE C 431 -15.33 18.22 -3.82
C PHE C 431 -16.76 18.73 -3.75
N PHE C 432 -17.10 19.38 -2.64
CA PHE C 432 -18.45 19.86 -2.45
C PHE C 432 -18.76 20.98 -3.41
N SER C 433 -17.79 21.87 -3.62
CA SER C 433 -17.98 22.95 -4.61
C SER C 433 -18.38 22.38 -5.96
N ILE C 434 -17.76 21.29 -6.37
CA ILE C 434 -17.99 20.70 -7.71
C ILE C 434 -19.35 20.04 -7.85
N LEU C 435 -19.71 19.22 -6.87
CA LEU C 435 -20.97 18.49 -6.92
C LEU C 435 -22.18 19.43 -6.77
N MET C 436 -22.02 20.54 -6.05
CA MET C 436 -23.12 21.49 -5.89
C MET C 436 -23.49 22.07 -7.25
N VAL C 437 -22.47 22.35 -8.07
CA VAL C 437 -22.67 22.94 -9.39
C VAL C 437 -23.15 21.86 -10.39
N GLN C 438 -22.56 20.68 -10.38
CA GLN C 438 -23.12 19.54 -11.11
C GLN C 438 -24.54 19.24 -10.61
N ASP C 439 -24.83 19.61 -9.35
CA ASP C 439 -26.10 19.32 -8.68
C ASP C 439 -26.32 17.80 -8.52
N THR C 440 -25.33 17.15 -7.91
CA THR C 440 -25.26 15.69 -7.84
C THR C 440 -24.80 15.17 -6.46
N LEU C 441 -25.25 15.85 -5.40
CA LEU C 441 -24.95 15.42 -4.03
C LEU C 441 -25.65 14.10 -3.66
N ASP C 442 -26.94 13.97 -4.00
CA ASP C 442 -27.66 12.73 -3.83
C ASP C 442 -26.95 11.52 -4.52
N GLN C 443 -26.22 11.76 -5.60
CA GLN C 443 -25.57 10.68 -6.39
C GLN C 443 -24.49 9.90 -5.65
N ASN C 444 -24.39 8.61 -5.96
CA ASN C 444 -23.50 7.69 -5.26
C ASN C 444 -22.18 7.49 -5.96
N LEU C 445 -21.08 7.74 -5.25
CA LEU C 445 -19.74 7.60 -5.81
C LEU C 445 -19.04 6.43 -5.15
N TYR C 446 -18.71 5.42 -5.94
CA TYR C 446 -18.11 4.20 -5.41
C TYR C 446 -18.86 3.75 -4.17
N GLY C 447 -20.17 3.58 -4.32
CA GLY C 447 -21.03 3.18 -3.21
C GLY C 447 -20.79 3.94 -1.92
N VAL C 448 -20.80 5.28 -2.01
CA VAL C 448 -20.82 6.17 -0.83
C VAL C 448 -21.69 7.37 -1.18
N ASN C 449 -22.43 7.88 -0.22
CA ASN C 449 -23.22 9.08 -0.43
C ASN C 449 -22.58 10.29 0.21
N PRO C 450 -22.13 11.24 -0.60
CA PRO C 450 -21.51 12.46 -0.10
C PRO C 450 -22.16 13.03 1.16
N LEU C 451 -23.48 12.93 1.24
CA LEU C 451 -24.22 13.56 2.32
C LEU C 451 -24.14 12.77 3.62
N ASP C 452 -23.66 11.53 3.52
CA ASP C 452 -23.29 10.71 4.69
C ASP C 452 -21.92 11.03 5.29
N LEU C 453 -21.12 11.87 4.63
CA LEU C 453 -19.75 12.09 5.06
C LEU C 453 -19.64 12.44 6.54
N PRO C 454 -20.41 13.41 7.00
CA PRO C 454 -20.27 13.74 8.42
C PRO C 454 -20.40 12.52 9.32
N ALA C 455 -21.40 11.69 9.06
CA ALA C 455 -21.57 10.44 9.78
C ALA C 455 -20.37 9.55 9.55
N ILE C 456 -20.08 9.27 8.29
CA ILE C 456 -18.96 8.40 7.92
C ILE C 456 -17.66 8.80 8.63
N ILE C 457 -17.40 10.10 8.67
CA ILE C 457 -16.18 10.62 9.27
C ILE C 457 -16.21 10.50 10.79
N GLU C 458 -17.34 10.85 11.44
CA GLU C 458 -17.48 10.60 12.89
C GLU C 458 -17.22 9.12 13.24
N ARG C 459 -17.92 8.19 12.60
CA ARG C 459 -17.69 6.76 12.84
C ARG C 459 -16.18 6.48 12.81
N LEU C 460 -15.50 6.92 11.76
CA LEU C 460 -14.11 6.55 11.54
C LEU C 460 -13.08 7.38 12.34
N HIS C 461 -13.26 8.68 12.46
CA HIS C 461 -12.21 9.56 13.00
C HIS C 461 -12.51 10.27 14.32
N GLY C 462 -13.74 10.22 14.79
CA GLY C 462 -14.08 10.97 15.99
C GLY C 462 -14.45 12.41 15.69
N LEU C 463 -15.50 12.86 16.37
CA LEU C 463 -16.01 14.22 16.30
C LEU C 463 -14.94 15.30 16.36
N ASP C 464 -13.81 15.00 17.00
CA ASP C 464 -12.66 15.91 17.01
C ASP C 464 -12.19 16.30 15.62
N ALA C 465 -12.37 15.40 14.66
CA ALA C 465 -12.08 15.65 13.24
C ALA C 465 -12.74 16.90 12.63
N PHE C 466 -13.83 17.37 13.24
CA PHE C 466 -14.56 18.54 12.75
C PHE C 466 -14.14 19.82 13.45
N SER C 467 -13.33 19.71 14.50
CA SER C 467 -12.98 20.87 15.34
C SER C 467 -11.49 21.05 15.60
N MET C 468 -10.62 20.30 14.93
CA MET C 468 -9.17 20.39 15.16
C MET C 468 -8.58 21.67 14.61
N HIS C 469 -7.54 22.16 15.29
CA HIS C 469 -6.93 23.42 14.91
C HIS C 469 -5.48 23.44 15.39
N THR C 470 -4.73 24.45 14.95
CA THR C 470 -3.35 24.67 15.39
C THR C 470 -2.50 23.49 14.93
N TYR C 471 -2.37 23.36 13.62
CA TYR C 471 -1.64 22.26 13.02
C TYR C 471 -0.12 22.47 13.10
N SER C 472 0.65 21.40 13.00
CA SER C 472 2.09 21.46 13.20
C SER C 472 2.77 22.33 12.15
N HIS C 473 3.98 22.80 12.48
CA HIS C 473 4.81 23.52 11.53
C HIS C 473 5.09 22.66 10.32
N HIS C 474 5.55 21.43 10.54
CA HIS C 474 5.78 20.48 9.43
C HIS C 474 4.60 20.38 8.50
N GLU C 475 3.40 20.23 9.07
CA GLU C 475 2.23 19.98 8.25
C GLU C 475 1.87 21.24 7.47
N LEU C 476 1.91 22.40 8.12
CA LEU C 476 1.65 23.66 7.42
C LEU C 476 2.66 23.91 6.32
N THR C 477 3.94 23.74 6.61
CA THR C 477 4.97 23.98 5.62
C THR C 477 4.75 23.07 4.43
N ARG C 478 4.49 21.78 4.69
CA ARG C 478 4.40 20.80 3.62
C ARG C 478 3.18 21.02 2.73
N VAL C 479 2.05 21.37 3.33
CA VAL C 479 0.82 21.59 2.56
C VAL C 479 1.03 22.77 1.65
N ALA C 480 1.41 23.90 2.24
CA ALA C 480 1.74 25.12 1.51
C ALA C 480 2.64 24.83 0.32
N SER C 481 3.71 24.12 0.63
CA SER C 481 4.74 23.81 -0.32
C SER C 481 4.25 22.90 -1.46
N ALA C 482 3.29 22.01 -1.17
CA ALA C 482 2.73 21.15 -2.21
C ALA C 482 1.69 21.86 -3.11
N LEU C 483 0.95 22.81 -2.55
CA LEU C 483 0.00 23.56 -3.34
C LEU C 483 0.73 24.53 -4.26
N ARG C 484 1.82 25.09 -3.75
CA ARG C 484 2.68 25.97 -4.53
C ARG C 484 3.31 25.18 -5.69
N LYS C 485 3.89 24.02 -5.36
CA LYS C 485 4.44 23.09 -6.35
C LYS C 485 3.48 22.73 -7.50
N LEU C 486 2.20 22.49 -7.19
CA LEU C 486 1.22 22.12 -8.20
C LEU C 486 0.41 23.31 -8.77
N GLY C 487 0.68 24.51 -8.28
CA GLY C 487 -0.03 25.68 -8.78
C GLY C 487 -1.47 25.75 -8.33
N ALA C 488 -1.73 25.32 -7.10
CA ALA C 488 -3.04 25.43 -6.54
C ALA C 488 -3.09 26.73 -5.78
N PRO C 489 -4.30 27.23 -5.48
CA PRO C 489 -4.37 28.45 -4.68
C PRO C 489 -3.82 28.15 -3.33
N PRO C 490 -3.32 29.18 -2.65
CA PRO C 490 -2.89 29.01 -1.26
C PRO C 490 -4.09 28.85 -0.33
N LEU C 491 -3.81 28.41 0.89
CA LEU C 491 -4.87 28.10 1.84
C LEU C 491 -5.82 29.26 2.08
N ARG C 492 -5.29 30.49 2.19
CA ARG C 492 -6.17 31.67 2.37
C ARG C 492 -7.29 31.74 1.32
N VAL C 493 -6.98 31.37 0.09
CA VAL C 493 -7.98 31.36 -0.97
C VAL C 493 -8.97 30.23 -0.71
N TRP C 494 -8.49 29.10 -0.23
CA TRP C 494 -9.41 28.01 0.10
C TRP C 494 -10.29 28.41 1.29
N LYS C 495 -9.73 29.13 2.27
CA LYS C 495 -10.54 29.70 3.36
C LYS C 495 -11.75 30.44 2.74
N SER C 496 -11.51 31.32 1.76
CA SER C 496 -12.62 32.04 1.07
C SER C 496 -13.60 31.11 0.41
N ARG C 497 -13.10 30.19 -0.42
CA ARG C 497 -13.98 29.27 -1.13
C ARG C 497 -14.85 28.46 -0.18
N ALA C 498 -14.25 28.03 0.94
CA ALA C 498 -14.95 27.23 1.93
C ALA C 498 -16.13 27.98 2.53
N ARG C 499 -15.91 29.21 2.99
CA ARG C 499 -16.98 30.09 3.49
C ARG C 499 -18.14 30.11 2.52
N ALA C 500 -17.84 30.37 1.24
CA ALA C 500 -18.85 30.40 0.19
C ALA C 500 -19.57 29.05 0.04
N VAL C 501 -18.81 27.99 -0.11
CA VAL C 501 -19.41 26.66 -0.19
C VAL C 501 -20.30 26.42 1.02
N ARG C 502 -19.78 26.76 2.20
CA ARG C 502 -20.46 26.52 3.47
C ARG C 502 -21.84 27.14 3.47
N ALA C 503 -21.89 28.45 3.20
CA ALA C 503 -23.14 29.21 3.17
C ALA C 503 -24.12 28.60 2.18
N SER C 504 -23.62 28.29 1.00
CA SER C 504 -24.41 27.63 -0.03
C SER C 504 -24.98 26.27 0.45
N LEU C 505 -24.17 25.48 1.15
CA LEU C 505 -24.64 24.17 1.65
C LEU C 505 -25.73 24.30 2.71
N ILE C 506 -25.61 25.34 3.55
CA ILE C 506 -26.57 25.63 4.60
C ILE C 506 -27.94 26.02 3.99
N SER C 507 -27.90 26.93 3.02
CA SER C 507 -29.08 27.29 2.22
C SER C 507 -29.98 26.11 1.90
N ARG C 508 -29.41 24.98 1.56
CA ARG C 508 -30.21 23.86 1.06
C ARG C 508 -30.90 23.07 2.17
N GLY C 509 -30.52 23.30 3.42
CA GLY C 509 -31.05 22.52 4.54
C GLY C 509 -30.83 21.02 4.35
N GLY C 510 -31.59 20.20 5.07
CA GLY C 510 -31.47 18.75 4.95
C GLY C 510 -30.11 18.27 5.40
N LYS C 511 -29.62 17.18 4.80
CA LYS C 511 -28.32 16.64 5.14
C LYS C 511 -27.21 17.57 4.60
N ALA C 512 -27.50 18.23 3.48
CA ALA C 512 -26.57 19.18 2.88
C ALA C 512 -26.11 20.22 3.90
N ALA C 513 -27.02 20.70 4.72
CA ALA C 513 -26.67 21.74 5.67
C ALA C 513 -25.88 21.16 6.84
N VAL C 514 -26.10 19.87 7.11
CA VAL C 514 -25.32 19.18 8.14
C VAL C 514 -23.87 19.15 7.67
N CYS C 515 -23.64 18.68 6.44
CA CYS C 515 -22.32 18.78 5.80
C CYS C 515 -21.74 20.19 5.89
N GLY C 516 -22.57 21.19 5.56
CA GLY C 516 -22.13 22.57 5.60
C GLY C 516 -21.65 23.01 6.96
N ARG C 517 -22.35 22.59 8.01
CA ARG C 517 -22.05 23.05 9.37
C ARG C 517 -20.90 22.27 10.01
N TYR C 518 -20.92 20.94 9.87
CA TYR C 518 -19.87 20.07 10.44
C TYR C 518 -18.53 20.10 9.69
N LEU C 519 -18.58 19.75 8.41
CA LEU C 519 -17.37 19.67 7.60
C LEU C 519 -16.66 21.02 7.44
N PHE C 520 -17.40 22.12 7.55
CA PHE C 520 -16.80 23.43 7.27
C PHE C 520 -16.78 24.42 8.44
N ASN C 521 -17.02 23.92 9.65
CA ASN C 521 -17.01 24.80 10.80
C ASN C 521 -15.69 25.51 10.98
N TRP C 522 -14.59 24.87 10.58
CA TRP C 522 -13.29 25.54 10.63
C TRP C 522 -13.28 26.87 9.87
N ALA C 523 -14.16 27.03 8.89
CA ALA C 523 -14.06 28.19 8.02
C ALA C 523 -14.70 29.47 8.57
N VAL C 524 -15.50 29.37 9.62
CA VAL C 524 -16.23 30.54 10.13
C VAL C 524 -15.59 31.20 11.36
N LYS C 525 -15.95 32.46 11.59
CA LYS C 525 -15.57 33.19 12.81
C LYS C 525 -16.46 32.75 13.99
N THR C 526 -17.78 32.63 13.73
CA THR C 526 -18.76 32.21 14.75
C THR C 526 -18.90 30.68 14.80
N LYS C 527 -17.90 29.98 15.35
CA LYS C 527 -17.85 28.50 15.39
C LYS C 527 -18.99 27.90 16.22
N LEU C 528 -19.86 27.12 15.57
CA LEU C 528 -21.05 26.53 16.23
C LEU C 528 -20.67 25.26 17.01
N LYS C 529 -21.16 25.12 18.24
CA LYS C 529 -20.85 23.93 19.07
C LYS C 529 -21.47 22.65 18.48
N LEU C 530 -20.62 21.72 18.03
CA LEU C 530 -21.06 20.49 17.35
C LEU C 530 -21.15 19.32 18.29
N THR C 531 -22.29 18.63 18.30
CA THR C 531 -22.54 17.47 19.17
C THR C 531 -22.59 16.18 18.36
N PRO C 532 -22.48 15.01 19.03
CA PRO C 532 -22.55 13.74 18.28
C PRO C 532 -23.76 13.60 17.33
N LEU C 533 -23.63 12.70 16.38
CA LEU C 533 -24.63 12.54 15.34
C LEU C 533 -25.33 11.21 15.48
N PRO C 534 -26.69 11.21 15.50
CA PRO C 534 -27.41 9.93 15.60
C PRO C 534 -26.87 8.92 14.58
N GLU C 535 -26.92 9.29 13.29
CA GLU C 535 -26.41 8.48 12.19
C GLU C 535 -24.87 8.39 12.25
#